data_1XL3
#
_entry.id   1XL3
#
_cell.length_a   82.172
_cell.length_b   170.724
_cell.length_c   55.580
_cell.angle_alpha   90.00
_cell.angle_beta   90.00
_cell.angle_gamma   90.00
#
_symmetry.space_group_name_H-M   'P 21 21 2'
#
loop_
_entity.id
_entity.type
_entity.pdbx_description
1 polymer 'Secretion control protein'
2 polymer 'protein type A'
3 water water
#
loop_
_entity_poly.entity_id
_entity_poly.type
_entity_poly.pdbx_seq_one_letter_code
_entity_poly.pdbx_strand_id
1 'polypeptide(L)'
;SQARVSDVEEQVNQYLS(MLY)VPELEQKQNVSELLSLLSNSPNISLSQL(MLY)AYLEG(MLY)SEEPSEQF(MLY)ML
CGLRDAL(MLY)GRPELAHLSHLVEQALVSMAEEQGETIVLGARITPEAYRESQSGVNPLQPLRDTYRDAVMGYQGIYAI
WSDLQ(MLY)RFPNGDIDSVILFLQ(MLY)ALSADLQSQQSGSGRE(MLY)LGIVISDLQ(MLY)L(MLY)EFGSVSDQV
(MLY)GFWQFFSEG(MLY)TNGVRPF
;
A,B
2 'polypeptide(L)'
;MAYDLSEFMGDIVALVD(MLY)RWAGIHDIEHLANAFSLPTPEI(MLY)VRFYQDL(MLY)RMFRLFPLGVFSDEEQRQN
LLQMCQNAIDMAIESEEEELSELD
;
C,D
#
# COMPACT_ATOMS: atom_id res chain seq x y z
N ALA A 3 -26.75 34.92 -0.93
CA ALA A 3 -26.68 34.25 0.41
C ALA A 3 -25.50 33.25 0.49
N ARG A 4 -25.59 32.13 -0.22
CA ARG A 4 -24.39 31.28 -0.50
C ARG A 4 -23.62 31.82 -1.71
N VAL A 5 -24.36 32.51 -2.58
CA VAL A 5 -23.82 33.29 -3.69
C VAL A 5 -22.85 34.43 -3.28
N SER A 6 -23.17 35.16 -2.20
CA SER A 6 -22.33 36.25 -1.67
C SER A 6 -21.01 35.75 -1.16
N ASP A 7 -21.11 34.58 -0.54
CA ASP A 7 -20.01 33.88 0.06
C ASP A 7 -18.96 33.59 -1.03
N VAL A 8 -19.37 32.83 -2.06
CA VAL A 8 -18.50 32.40 -3.18
C VAL A 8 -17.97 33.61 -3.95
N GLU A 9 -18.84 34.59 -4.22
CA GLU A 9 -18.47 35.84 -4.88
C GLU A 9 -17.38 36.58 -4.13
N GLU A 10 -17.46 36.58 -2.79
CA GLU A 10 -16.48 37.25 -1.96
C GLU A 10 -15.10 36.68 -2.14
N GLN A 11 -15.04 35.34 -2.18
CA GLN A 11 -13.78 34.60 -2.36
C GLN A 11 -13.26 34.74 -3.77
N VAL A 12 -14.14 34.68 -4.75
CA VAL A 12 -13.71 34.85 -6.14
C VAL A 12 -12.98 36.20 -6.37
N ASN A 13 -13.62 37.33 -6.04
CA ASN A 13 -13.00 38.66 -6.29
C ASN A 13 -11.75 38.91 -5.48
N GLN A 14 -11.68 38.37 -4.28
CA GLN A 14 -10.43 38.48 -3.53
C GLN A 14 -9.26 37.95 -4.39
N TYR A 15 -9.45 36.83 -5.09
CA TYR A 15 -8.40 36.26 -5.92
C TYR A 15 -8.31 36.89 -7.32
N LEU A 16 -9.45 37.21 -7.91
CA LEU A 16 -9.51 37.50 -9.37
C LEU A 16 -9.40 39.01 -9.74
N SER A 17 -9.14 39.87 -8.74
CA SER A 17 -8.80 41.26 -8.98
C SER A 17 -7.33 41.36 -9.45
N VAL A 19 -5.86 39.57 -11.73
CA VAL A 19 -5.78 39.40 -13.18
C VAL A 19 -6.92 40.23 -13.78
N PRO A 20 -6.75 41.57 -13.85
CA PRO A 20 -7.83 42.35 -14.46
C PRO A 20 -7.95 42.03 -15.94
N GLU A 21 -8.92 41.18 -16.28
CA GLU A 21 -9.12 40.70 -17.65
C GLU A 21 -10.59 40.30 -17.86
N GLN A 26 -14.80 42.24 -19.77
CA GLN A 26 -16.02 43.00 -20.06
C GLN A 26 -16.67 42.61 -21.39
N ASN A 27 -16.99 41.32 -21.53
CA ASN A 27 -17.97 40.87 -22.49
C ASN A 27 -19.37 41.13 -21.95
N VAL A 28 -19.46 41.75 -20.76
CA VAL A 28 -20.73 41.85 -20.05
C VAL A 28 -21.73 42.65 -20.86
N SER A 29 -21.22 43.68 -21.55
CA SER A 29 -21.98 44.45 -22.54
C SER A 29 -22.47 43.57 -23.69
N GLU A 30 -21.55 42.84 -24.30
CA GLU A 30 -21.86 42.02 -25.49
C GLU A 30 -23.02 41.04 -25.25
N LEU A 31 -23.14 40.55 -24.01
CA LEU A 31 -24.17 39.58 -23.66
C LEU A 31 -25.46 40.29 -23.26
N LEU A 32 -25.35 41.52 -22.74
CA LEU A 32 -26.54 42.32 -22.49
C LEU A 32 -27.39 42.30 -23.74
N SER A 33 -26.82 42.84 -24.83
CA SER A 33 -27.60 43.16 -26.02
C SER A 33 -28.05 41.89 -26.73
N LEU A 34 -27.19 40.89 -26.72
CA LEU A 34 -27.53 39.58 -27.27
C LEU A 34 -28.73 38.97 -26.55
N LEU A 35 -28.83 39.22 -25.24
CA LEU A 35 -29.92 38.68 -24.42
C LEU A 35 -31.18 39.55 -24.47
N SER A 36 -31.00 40.88 -24.44
CA SER A 36 -32.09 41.83 -24.65
C SER A 36 -32.87 41.49 -25.91
N ASN A 37 -32.14 41.17 -26.98
CA ASN A 37 -32.72 40.59 -28.19
C ASN A 37 -32.99 39.11 -27.90
N SER A 38 -34.21 38.65 -28.17
CA SER A 38 -34.62 37.29 -27.80
C SER A 38 -34.76 37.13 -26.27
N PRO A 39 -35.87 37.64 -25.69
CA PRO A 39 -36.16 37.48 -24.26
C PRO A 39 -36.70 36.09 -23.88
N ASN A 40 -36.59 35.15 -24.80
CA ASN A 40 -37.30 33.90 -24.69
C ASN A 40 -36.34 32.72 -24.50
N ILE A 41 -35.62 32.77 -23.40
CA ILE A 41 -34.48 31.93 -23.13
C ILE A 41 -34.77 31.02 -21.94
N SER A 42 -34.21 29.83 -21.95
CA SER A 42 -34.24 28.99 -20.79
C SER A 42 -32.94 29.16 -20.00
N LEU A 43 -33.01 28.74 -18.75
CA LEU A 43 -31.86 28.70 -17.91
C LEU A 43 -30.82 27.75 -18.48
N SER A 44 -31.23 26.65 -19.08
CA SER A 44 -30.26 25.74 -19.61
C SER A 44 -29.58 26.30 -20.86
N GLN A 45 -30.27 27.18 -21.61
CA GLN A 45 -29.66 27.91 -22.70
C GLN A 45 -28.65 28.93 -22.21
N LEU A 46 -29.01 29.64 -21.14
CA LEU A 46 -28.10 30.65 -20.58
C LEU A 46 -26.82 29.95 -20.14
N ALA A 48 -25.61 27.07 -21.02
CA ALA A 48 -24.81 26.52 -22.11
C ALA A 48 -24.03 27.61 -22.84
N TYR A 49 -24.69 28.76 -23.03
CA TYR A 49 -24.07 29.93 -23.62
C TYR A 49 -22.79 30.26 -22.86
N LEU A 50 -22.90 30.38 -21.55
CA LEU A 50 -21.75 30.73 -20.74
C LEU A 50 -20.64 29.66 -20.80
N GLU A 51 -21.04 28.43 -20.86
CA GLU A 51 -20.08 27.36 -21.04
C GLU A 51 -19.28 27.51 -22.33
N GLY A 52 -19.98 27.97 -23.38
CA GLY A 52 -19.38 28.27 -24.66
C GLY A 52 -18.41 29.43 -24.55
N SER A 54 -16.77 30.61 -21.67
CA SER A 54 -15.61 30.05 -20.97
C SER A 54 -15.88 28.71 -20.31
N GLU A 55 -14.90 27.82 -20.49
CA GLU A 55 -14.76 26.53 -19.79
C GLU A 55 -14.63 26.63 -18.29
N GLU A 56 -14.07 27.70 -17.78
CA GLU A 56 -13.79 27.82 -16.38
C GLU A 56 -15.04 28.28 -15.56
N PRO A 57 -15.55 27.42 -14.69
CA PRO A 57 -16.65 27.78 -13.79
C PRO A 57 -16.55 29.15 -13.08
N SER A 58 -15.37 29.55 -12.59
CA SER A 58 -15.26 30.82 -11.87
C SER A 58 -15.52 31.98 -12.80
N GLU A 59 -15.11 31.84 -14.06
CA GLU A 59 -15.36 32.83 -15.10
C GLU A 59 -16.86 32.91 -15.50
N GLN A 60 -17.52 31.76 -15.62
CA GLN A 60 -18.93 31.73 -15.90
C GLN A 60 -19.64 32.39 -14.70
N PHE A 61 -19.25 32.01 -13.50
CA PHE A 61 -19.80 32.62 -12.28
C PHE A 61 -19.63 34.11 -12.28
N MET A 63 -19.18 36.23 -14.83
CA MET A 63 -20.00 36.92 -15.85
C MET A 63 -21.41 37.08 -15.37
N LEU A 64 -21.90 36.09 -14.62
CA LEU A 64 -23.25 36.13 -14.07
C LEU A 64 -23.39 37.20 -13.03
N CYS A 65 -22.35 37.41 -12.25
CA CYS A 65 -22.33 38.52 -11.27
C CYS A 65 -22.28 39.86 -11.99
N GLY A 66 -21.61 39.88 -13.15
CA GLY A 66 -21.53 41.07 -14.03
C GLY A 66 -22.85 41.38 -14.69
N LEU A 67 -23.55 40.32 -15.08
CA LEU A 67 -24.84 40.45 -15.68
C LEU A 67 -25.93 40.79 -14.68
N ARG A 68 -25.84 40.23 -13.49
CA ARG A 68 -26.75 40.57 -12.42
C ARG A 68 -26.65 42.06 -12.15
N ASP A 69 -25.42 42.59 -12.17
CA ASP A 69 -25.15 44.00 -11.90
C ASP A 69 -25.58 44.98 -13.02
N ALA A 70 -25.16 44.71 -14.27
CA ALA A 70 -25.44 45.61 -15.40
C ALA A 70 -26.94 45.73 -15.64
N LEU A 71 -27.62 44.75 -15.06
CA LEU A 71 -29.07 44.68 -14.97
C LEU A 71 -29.69 45.48 -13.80
N GLY A 73 -29.31 48.72 -13.59
CA GLY A 73 -29.76 49.95 -14.27
C GLY A 73 -30.73 49.74 -15.43
N ARG A 74 -30.78 48.49 -15.93
CA ARG A 74 -31.66 48.09 -17.05
C ARG A 74 -32.89 47.23 -16.65
N PRO A 75 -33.52 47.49 -15.47
CA PRO A 75 -34.89 46.96 -15.28
C PRO A 75 -35.92 47.55 -16.26
N GLU A 76 -36.01 46.93 -17.44
CA GLU A 76 -36.98 47.30 -18.46
C GLU A 76 -37.87 46.07 -18.63
N LEU A 77 -38.50 45.65 -17.54
CA LEU A 77 -39.14 44.33 -17.48
C LEU A 77 -38.13 43.36 -18.08
N ALA A 78 -36.83 43.68 -17.86
CA ALA A 78 -35.70 42.93 -18.40
C ALA A 78 -35.44 41.90 -17.36
N HIS A 79 -36.45 41.04 -17.19
CA HIS A 79 -36.52 40.11 -16.09
C HIS A 79 -36.72 38.75 -16.71
N LEU A 80 -36.15 37.76 -16.02
CA LEU A 80 -35.43 36.64 -16.59
C LEU A 80 -33.95 36.98 -16.28
N SER A 81 -33.72 38.19 -15.77
CA SER A 81 -32.69 38.43 -14.75
C SER A 81 -32.94 37.60 -13.49
N HIS A 82 -34.18 37.15 -13.36
CA HIS A 82 -34.56 36.11 -12.43
C HIS A 82 -33.82 34.82 -12.69
N LEU A 83 -33.54 34.53 -13.96
CA LEU A 83 -32.81 33.33 -14.34
C LEU A 83 -31.36 33.45 -13.94
N VAL A 84 -30.83 34.66 -14.10
CA VAL A 84 -29.45 34.97 -13.74
C VAL A 84 -29.17 34.67 -12.29
N GLU A 85 -30.15 34.92 -11.42
CA GLU A 85 -30.06 34.58 -10.00
C GLU A 85 -30.35 33.14 -9.71
N GLN A 86 -31.20 32.52 -10.53
CA GLN A 86 -31.41 31.09 -10.46
C GLN A 86 -30.11 30.37 -10.83
N ALA A 87 -29.43 30.88 -11.88
CA ALA A 87 -28.12 30.35 -12.39
C ALA A 87 -27.07 30.44 -11.32
N LEU A 88 -26.94 31.65 -10.74
CA LEU A 88 -26.02 31.95 -9.64
C LEU A 88 -26.19 31.05 -8.44
N VAL A 89 -27.43 30.80 -8.06
CA VAL A 89 -27.71 29.88 -6.97
C VAL A 89 -27.37 28.43 -7.36
N SER A 90 -27.71 28.02 -8.57
CA SER A 90 -27.26 26.68 -9.02
C SER A 90 -25.77 26.55 -8.91
N MET A 91 -25.02 27.54 -9.40
CA MET A 91 -23.54 27.49 -9.38
C MET A 91 -22.92 27.52 -7.97
N ALA A 92 -23.48 28.34 -7.10
CA ALA A 92 -23.06 28.40 -5.69
C ALA A 92 -23.33 27.10 -4.94
N GLU A 93 -24.48 26.50 -5.19
CA GLU A 93 -24.83 25.28 -4.48
C GLU A 93 -24.12 24.07 -5.04
N GLU A 94 -24.07 24.01 -6.37
CA GLU A 94 -23.51 22.84 -7.09
C GLU A 94 -22.02 22.90 -7.36
N GLN A 95 -21.50 24.12 -7.48
CA GLN A 95 -20.13 24.33 -7.94
C GLN A 95 -19.27 25.24 -7.10
N GLY A 96 -19.71 25.59 -5.90
CA GLY A 96 -19.00 26.56 -5.10
C GLY A 96 -17.51 26.29 -4.98
N GLU A 97 -17.17 25.07 -4.59
CA GLU A 97 -15.77 24.69 -4.37
C GLU A 97 -14.92 24.77 -5.65
N THR A 98 -15.44 24.22 -6.75
CA THR A 98 -14.82 24.30 -8.09
C THR A 98 -14.55 25.74 -8.50
N ILE A 99 -15.49 26.61 -8.14
CA ILE A 99 -15.47 27.97 -8.55
C ILE A 99 -14.36 28.64 -7.79
N VAL A 100 -14.30 28.37 -6.49
CA VAL A 100 -13.38 29.02 -5.59
C VAL A 100 -11.96 28.55 -5.88
N LEU A 101 -11.80 27.26 -6.13
CA LEU A 101 -10.50 26.72 -6.50
C LEU A 101 -9.98 27.27 -7.81
N GLY A 102 -10.87 27.43 -8.78
CA GLY A 102 -10.51 28.05 -10.04
C GLY A 102 -10.14 29.50 -9.91
N ALA A 103 -10.80 30.25 -9.00
CA ALA A 103 -10.44 31.66 -8.75
C ALA A 103 -9.10 31.77 -8.03
N ARG A 104 -8.93 30.95 -7.03
CA ARG A 104 -7.70 30.87 -6.27
C ARG A 104 -6.47 30.60 -7.15
N ILE A 105 -6.55 29.74 -8.14
CA ILE A 105 -5.37 29.32 -8.89
C ILE A 105 -5.10 30.15 -10.16
N THR A 106 -6.08 30.94 -10.58
CA THR A 106 -6.02 31.72 -11.82
C THR A 106 -4.75 32.61 -12.02
N PRO A 107 -4.37 33.43 -11.00
CA PRO A 107 -3.13 34.27 -11.06
C PRO A 107 -1.81 33.50 -11.38
N GLU A 108 -1.61 32.40 -10.65
CA GLU A 108 -0.51 31.47 -10.83
C GLU A 108 -0.58 30.77 -12.17
N ALA A 109 -1.76 30.27 -12.53
CA ALA A 109 -1.93 29.59 -13.81
C ALA A 109 -1.69 30.54 -15.00
N TYR A 110 -2.19 31.78 -14.87
CA TYR A 110 -1.99 32.78 -15.90
C TYR A 110 -0.49 32.97 -16.13
N ARG A 111 0.27 33.31 -15.08
CA ARG A 111 1.73 33.46 -15.19
C ARG A 111 2.41 32.28 -15.88
N GLU A 112 2.12 31.07 -15.41
CA GLU A 112 2.72 29.88 -15.97
C GLU A 112 2.32 29.68 -17.44
N SER A 113 1.07 30.03 -17.77
CA SER A 113 0.62 29.87 -19.13
C SER A 113 1.36 30.82 -20.11
N GLN A 114 1.98 31.87 -19.56
CA GLN A 114 2.53 32.96 -20.36
C GLN A 114 3.49 32.45 -21.46
N SER A 115 4.41 31.58 -21.04
CA SER A 115 5.46 31.01 -21.88
C SER A 115 5.00 30.29 -23.17
N GLY A 116 3.69 30.29 -23.46
CA GLY A 116 3.14 29.63 -24.63
C GLY A 116 2.96 28.11 -24.45
N VAL A 117 3.88 27.47 -23.71
CA VAL A 117 3.98 26.00 -23.68
C VAL A 117 3.02 25.24 -22.71
N ASN A 118 2.64 25.83 -21.59
CA ASN A 118 1.65 25.18 -20.69
C ASN A 118 0.39 26.03 -20.58
N PRO A 119 -0.70 25.60 -21.26
CA PRO A 119 -1.91 26.45 -21.28
C PRO A 119 -2.68 26.64 -19.94
N LEU A 120 -3.48 27.68 -19.91
CA LEU A 120 -4.12 28.14 -18.70
C LEU A 120 -5.15 27.18 -18.14
N GLN A 121 -5.98 26.60 -19.00
CA GLN A 121 -7.12 25.86 -18.53
C GLN A 121 -6.75 24.47 -17.99
N PRO A 122 -5.91 23.69 -18.75
CA PRO A 122 -5.34 22.42 -18.16
C PRO A 122 -4.55 22.63 -16.86
N LEU A 123 -3.92 23.79 -16.71
CA LEU A 123 -3.27 24.16 -15.46
C LEU A 123 -4.30 24.27 -14.35
N ARG A 124 -5.31 25.07 -14.61
CA ARG A 124 -6.39 25.20 -13.65
C ARG A 124 -7.05 23.91 -13.28
N ASP A 125 -7.46 23.18 -14.30
CA ASP A 125 -8.07 21.89 -14.10
C ASP A 125 -7.24 20.90 -13.28
N THR A 126 -5.95 20.86 -13.56
CA THR A 126 -5.00 19.98 -12.89
C THR A 126 -4.91 20.30 -11.43
N TYR A 127 -4.85 21.58 -11.08
CA TYR A 127 -4.78 21.93 -9.65
C TYR A 127 -6.05 21.45 -8.97
N ARG A 128 -7.17 21.76 -9.61
CA ARG A 128 -8.49 21.53 -9.09
C ARG A 128 -8.75 20.03 -8.84
N ASP A 129 -8.38 19.20 -9.79
CA ASP A 129 -8.57 17.80 -9.62
C ASP A 129 -7.64 17.27 -8.54
N ALA A 130 -6.43 17.80 -8.41
CA ALA A 130 -5.54 17.31 -7.35
C ALA A 130 -6.16 17.58 -5.98
N VAL A 131 -6.88 18.69 -5.83
CA VAL A 131 -7.46 19.09 -4.51
C VAL A 131 -8.83 18.44 -4.28
N MET A 132 -9.61 18.25 -5.34
CA MET A 132 -11.01 17.85 -5.22
C MET A 132 -11.35 16.37 -5.50
N GLY A 133 -10.64 15.74 -6.39
CA GLY A 133 -10.81 14.29 -6.49
C GLY A 133 -9.52 13.60 -6.81
N TYR A 134 -8.55 13.71 -5.93
CA TYR A 134 -7.30 13.07 -6.21
C TYR A 134 -7.52 11.54 -6.26
N GLN A 135 -6.79 10.85 -7.11
CA GLN A 135 -6.98 9.41 -7.27
C GLN A 135 -5.70 8.60 -7.18
N GLY A 136 -4.61 9.23 -6.72
CA GLY A 136 -3.32 8.57 -6.75
C GLY A 136 -2.34 9.07 -7.80
N ILE A 137 -1.12 8.57 -7.66
CA ILE A 137 -0.01 9.05 -8.40
C ILE A 137 -0.06 8.64 -9.88
N TYR A 138 -0.65 7.47 -10.17
CA TYR A 138 -0.83 6.94 -11.54
C TYR A 138 -1.87 7.80 -12.28
N ALA A 139 -2.97 8.13 -11.59
CA ALA A 139 -4.00 8.93 -12.16
C ALA A 139 -3.43 10.29 -12.46
N ILE A 140 -2.74 10.92 -11.50
CA ILE A 140 -2.26 12.29 -11.78
C ILE A 140 -1.21 12.29 -12.90
N TRP A 141 -0.28 11.35 -12.87
CA TRP A 141 0.64 11.20 -14.00
C TRP A 141 -0.10 11.13 -15.38
N SER A 142 -1.17 10.32 -15.44
CA SER A 142 -1.90 10.03 -16.69
C SER A 142 -2.60 11.27 -17.18
N ASP A 143 -3.18 12.00 -16.22
CA ASP A 143 -3.77 13.31 -16.49
C ASP A 143 -2.77 14.41 -16.93
N LEU A 144 -1.61 14.46 -16.30
CA LEU A 144 -0.55 15.32 -16.78
C LEU A 144 -0.23 15.05 -18.24
N GLN A 145 -0.04 13.78 -18.58
CA GLN A 145 0.31 13.39 -19.97
C GLN A 145 -0.80 13.75 -20.95
N ARG A 147 -3.12 16.05 -20.60
CA ARG A 147 -3.33 17.47 -20.69
C ARG A 147 -2.19 18.29 -21.31
N PHE A 148 -0.96 17.79 -21.24
CA PHE A 148 0.22 18.58 -21.57
C PHE A 148 1.11 17.75 -22.51
N PRO A 149 0.53 17.19 -23.60
CA PRO A 149 1.33 16.23 -24.35
C PRO A 149 2.45 16.89 -25.12
N ASN A 150 2.27 18.17 -25.47
CA ASN A 150 3.33 19.02 -26.01
C ASN A 150 3.71 20.18 -25.05
N GLY A 151 3.65 19.97 -23.75
CA GLY A 151 3.91 21.05 -22.75
C GLY A 151 5.12 20.67 -21.92
N ASP A 152 5.41 21.39 -20.83
CA ASP A 152 6.57 21.05 -19.97
C ASP A 152 6.00 20.49 -18.66
N ILE A 153 5.94 19.18 -18.60
CA ILE A 153 5.28 18.53 -17.47
C ILE A 153 6.07 18.77 -16.16
N ASP A 154 7.40 18.83 -16.22
CA ASP A 154 8.27 19.18 -15.06
C ASP A 154 7.84 20.54 -14.43
N SER A 155 7.62 21.50 -15.29
CA SER A 155 7.19 22.81 -14.89
C SER A 155 5.76 22.81 -14.34
N VAL A 156 4.93 21.90 -14.83
CA VAL A 156 3.60 21.74 -14.29
C VAL A 156 3.66 21.19 -12.82
N ILE A 157 4.47 20.16 -12.63
CA ILE A 157 4.69 19.59 -11.32
C ILE A 157 5.14 20.64 -10.30
N LEU A 158 6.06 21.53 -10.72
CA LEU A 158 6.57 22.60 -9.91
C LEU A 158 5.49 23.58 -9.51
N PHE A 159 4.76 24.04 -10.53
CA PHE A 159 3.58 24.88 -10.39
C PHE A 159 2.62 24.34 -9.34
N LEU A 160 2.36 23.04 -9.42
CA LEU A 160 1.50 22.36 -8.46
C LEU A 160 2.08 22.28 -7.07
N GLN A 161 3.37 21.98 -6.99
CA GLN A 161 4.02 21.99 -5.68
C GLN A 161 4.02 23.31 -4.97
N ALA A 163 1.81 25.71 -5.52
CA ALA A 163 0.43 26.03 -5.18
C ALA A 163 -0.09 25.24 -3.98
N LEU A 164 0.17 23.94 -3.93
CA LEU A 164 -0.28 23.08 -2.84
C LEU A 164 0.42 23.40 -1.53
N SER A 165 1.68 23.83 -1.61
CA SER A 165 2.42 24.14 -0.40
C SER A 165 1.83 25.40 0.27
N ALA A 166 1.45 26.39 -0.55
CA ALA A 166 0.79 27.58 -0.06
C ALA A 166 -0.52 27.20 0.58
N ASP A 167 -1.26 26.30 -0.07
CA ASP A 167 -2.55 25.79 0.47
C ASP A 167 -2.37 25.25 1.87
N LEU A 168 -1.31 24.48 2.01
CA LEU A 168 -0.92 23.84 3.26
C LEU A 168 -0.61 24.83 4.37
N GLN A 169 -0.17 26.03 4.02
CA GLN A 169 0.15 26.99 5.07
C GLN A 169 -1.13 27.46 5.77
N SER A 170 -2.18 27.71 5.01
CA SER A 170 -3.44 28.23 5.56
C SER A 170 -4.45 27.14 5.98
N GLN A 171 -4.11 25.87 5.73
CA GLN A 171 -5.09 24.76 5.84
C GLN A 171 -5.28 24.30 7.28
N GLN A 172 -4.14 23.97 7.89
CA GLN A 172 -4.03 23.15 9.10
C GLN A 172 -5.29 22.87 9.96
N SER A 173 -5.96 21.78 9.62
CA SER A 173 -6.91 21.11 10.48
C SER A 173 -6.49 19.63 10.64
N GLY A 174 -6.76 18.80 9.62
CA GLY A 174 -6.60 17.34 9.71
C GLY A 174 -6.56 16.55 8.40
N SER A 175 -7.71 16.23 7.85
CA SER A 175 -7.74 15.33 6.69
C SER A 175 -7.41 16.07 5.39
N GLY A 176 -7.98 17.26 5.21
CA GLY A 176 -7.58 18.15 4.13
C GLY A 176 -6.06 18.33 4.11
N ARG A 177 -5.50 18.46 5.29
CA ARG A 177 -4.08 18.68 5.48
C ARG A 177 -3.28 17.45 5.11
N GLU A 178 -3.74 16.29 5.57
CA GLU A 178 -3.17 15.00 5.21
C GLU A 178 -3.24 14.74 3.69
N LEU A 180 -3.65 16.89 1.17
CA LEU A 180 -2.69 17.79 0.50
C LEU A 180 -1.24 17.27 0.56
N GLY A 181 -0.82 16.82 1.74
CA GLY A 181 0.49 16.24 1.95
C GLY A 181 0.77 15.05 1.03
N ILE A 182 -0.28 14.28 0.76
CA ILE A 182 -0.16 13.06 -0.04
C ILE A 182 0.01 13.38 -1.51
N VAL A 183 -0.67 14.41 -1.97
CA VAL A 183 -0.45 14.87 -3.33
C VAL A 183 0.95 15.36 -3.50
N ILE A 184 1.40 16.10 -2.53
CA ILE A 184 2.71 16.73 -2.51
C ILE A 184 3.84 15.73 -2.54
N SER A 185 3.78 14.72 -1.66
CA SER A 185 4.65 13.56 -1.70
C SER A 185 4.65 12.75 -2.98
N ASP A 186 3.47 12.49 -3.52
CA ASP A 186 3.32 11.91 -4.86
C ASP A 186 3.99 12.73 -5.94
N LEU A 187 3.83 14.03 -5.92
CA LEU A 187 4.52 14.94 -6.88
C LEU A 187 6.05 14.95 -6.69
N GLN A 188 6.52 14.93 -5.44
CA GLN A 188 7.94 14.71 -5.09
C GLN A 188 8.46 13.41 -5.72
N LEU A 190 7.18 11.73 -8.43
CA LEU A 190 7.21 11.93 -9.89
C LEU A 190 8.47 12.66 -10.28
N GLU A 192 11.41 12.57 -8.50
CA GLU A 192 12.43 11.48 -8.40
C GLU A 192 12.51 10.54 -9.62
N PHE A 193 11.37 10.14 -10.13
CA PHE A 193 11.28 9.27 -11.28
C PHE A 193 11.78 9.85 -12.60
N GLY A 194 11.65 11.16 -12.77
CA GLY A 194 12.24 11.86 -13.94
C GLY A 194 13.71 11.48 -14.25
N SER A 195 14.37 11.28 -13.11
CA SER A 195 15.79 10.97 -13.04
C SER A 195 16.14 9.61 -13.68
N VAL A 196 15.12 8.83 -13.96
CA VAL A 196 15.25 7.50 -14.47
C VAL A 196 14.55 7.41 -15.83
N SER A 197 14.12 8.53 -16.36
CA SER A 197 13.36 8.50 -17.58
C SER A 197 14.15 7.98 -18.80
N ASP A 198 15.46 8.23 -18.86
CA ASP A 198 16.28 7.72 -20.00
C ASP A 198 16.49 6.25 -20.01
N GLN A 199 16.68 5.66 -18.83
CA GLN A 199 16.72 4.20 -18.67
C GLN A 199 15.44 3.53 -19.06
N VAL A 200 14.31 4.14 -18.69
CA VAL A 200 13.01 3.55 -18.96
C VAL A 200 12.74 3.59 -20.48
N GLY A 202 15.13 3.61 -22.70
CA GLY A 202 16.02 2.66 -23.34
C GLY A 202 15.40 1.28 -23.39
N PHE A 203 14.84 0.88 -22.25
CA PHE A 203 14.14 -0.39 -22.13
C PHE A 203 12.95 -0.46 -23.10
N TRP A 204 12.11 0.57 -23.07
CA TRP A 204 10.88 0.65 -23.86
C TRP A 204 11.16 0.54 -25.36
N GLN A 205 12.28 1.11 -25.79
CA GLN A 205 12.68 1.18 -27.17
C GLN A 205 13.17 -0.20 -27.65
N PHE A 206 13.91 -0.89 -26.81
CA PHE A 206 14.39 -2.22 -27.14
C PHE A 206 13.20 -3.17 -27.35
N PHE A 207 12.29 -3.18 -26.39
CA PHE A 207 11.21 -4.17 -26.31
C PHE A 207 9.93 -3.80 -27.04
N SER A 208 9.73 -2.52 -27.33
CA SER A 208 8.71 -2.12 -28.26
C SER A 208 9.40 -1.98 -29.64
N ALA B 3 25.95 -15.01 36.36
CA ALA B 3 25.54 -13.58 36.54
C ALA B 3 24.34 -13.14 35.62
N ARG B 4 24.63 -12.60 34.42
CA ARG B 4 23.70 -12.61 33.28
C ARG B 4 23.28 -14.02 32.85
N VAL B 5 24.20 -14.98 32.77
CA VAL B 5 23.81 -16.37 32.52
C VAL B 5 22.71 -16.74 33.50
N SER B 6 22.94 -16.42 34.77
CA SER B 6 22.04 -16.83 35.86
C SER B 6 20.69 -16.13 35.84
N ASP B 7 20.64 -14.91 35.30
CA ASP B 7 19.36 -14.24 35.06
C ASP B 7 18.64 -14.85 33.87
N VAL B 8 19.32 -15.07 32.75
CA VAL B 8 18.67 -15.81 31.64
C VAL B 8 18.12 -17.15 32.17
N GLU B 9 18.96 -17.90 32.88
CA GLU B 9 18.59 -19.19 33.44
C GLU B 9 17.38 -19.16 34.40
N GLU B 10 17.31 -18.16 35.27
CA GLU B 10 16.21 -18.03 36.24
C GLU B 10 14.86 -17.98 35.52
N GLN B 11 14.79 -17.18 34.45
CA GLN B 11 13.59 -17.08 33.62
C GLN B 11 13.32 -18.39 32.85
N VAL B 12 14.29 -18.88 32.10
CA VAL B 12 14.11 -20.16 31.39
C VAL B 12 13.50 -21.29 32.27
N ASN B 13 14.13 -21.57 33.43
CA ASN B 13 13.70 -22.67 34.33
C ASN B 13 12.31 -22.46 34.91
N GLN B 14 11.96 -21.21 35.20
CA GLN B 14 10.63 -20.87 35.72
C GLN B 14 9.58 -21.25 34.69
N TYR B 15 9.80 -20.88 33.44
CA TYR B 15 8.82 -21.19 32.41
C TYR B 15 8.82 -22.69 32.11
N LEU B 16 9.99 -23.27 31.99
CA LEU B 16 10.05 -24.69 31.62
C LEU B 16 9.50 -25.63 32.70
N SER B 17 9.36 -25.15 33.96
CA SER B 17 8.93 -26.02 35.06
C SER B 17 7.45 -26.31 34.97
N VAL B 19 6.32 -27.28 32.09
CA VAL B 19 6.29 -28.36 31.12
C VAL B 19 7.47 -29.35 31.30
N PRO B 20 7.37 -30.30 32.27
CA PRO B 20 8.49 -31.23 32.52
C PRO B 20 8.94 -32.09 31.30
N GLU B 21 8.06 -32.25 30.32
CA GLU B 21 8.37 -32.99 29.10
C GLU B 21 9.37 -32.21 28.23
N LEU B 22 9.55 -30.91 28.50
CA LEU B 22 10.53 -30.14 27.75
C LEU B 22 11.58 -29.43 28.59
N GLU B 23 11.94 -30.05 29.72
CA GLU B 23 13.06 -29.57 30.53
C GLU B 23 14.39 -30.25 30.14
N GLN B 24 14.39 -31.08 29.11
CA GLN B 24 15.65 -31.51 28.48
C GLN B 24 16.40 -32.57 29.29
N LYS B 25 15.68 -33.28 30.14
CA LYS B 25 16.31 -34.11 31.16
C LYS B 25 16.91 -35.34 30.52
N GLN B 26 16.16 -35.96 29.63
CA GLN B 26 16.70 -37.08 28.89
C GLN B 26 17.83 -36.66 28.00
N ASN B 27 17.68 -35.51 27.35
CA ASN B 27 18.68 -35.00 26.45
C ASN B 27 20.02 -34.78 27.14
N VAL B 28 19.97 -34.22 28.36
CA VAL B 28 21.12 -34.00 29.20
C VAL B 28 21.73 -35.31 29.69
N SER B 29 20.94 -36.18 30.32
CA SER B 29 21.45 -37.51 30.73
C SER B 29 22.15 -38.29 29.57
N GLU B 30 21.57 -38.24 28.40
CA GLU B 30 22.12 -38.87 27.20
C GLU B 30 23.40 -38.22 26.65
N LEU B 31 23.51 -36.91 26.77
CA LEU B 31 24.71 -36.23 26.32
C LEU B 31 25.82 -36.50 27.33
N LEU B 32 25.50 -36.46 28.60
CA LEU B 32 26.47 -36.77 29.62
C LEU B 32 27.13 -38.15 29.36
N SER B 33 26.30 -39.14 29.07
CA SER B 33 26.80 -40.50 28.75
C SER B 33 27.65 -40.57 27.49
N LEU B 34 27.34 -39.71 26.53
CA LEU B 34 28.14 -39.59 25.32
C LEU B 34 29.52 -39.02 25.69
N LEU B 35 29.51 -37.94 26.47
CA LEU B 35 30.74 -37.29 26.89
C LEU B 35 31.59 -38.22 27.71
N SER B 36 30.97 -39.08 28.52
CA SER B 36 31.74 -39.94 29.40
C SER B 36 32.49 -40.99 28.58
N ASN B 37 31.83 -41.53 27.58
CA ASN B 37 32.47 -42.36 26.58
C ASN B 37 33.46 -41.58 25.67
N SER B 38 33.16 -40.34 25.29
CA SER B 38 34.07 -39.59 24.42
C SER B 38 34.36 -38.19 24.96
N PRO B 39 35.18 -38.08 26.02
CA PRO B 39 35.44 -36.87 26.80
C PRO B 39 36.46 -35.85 26.21
N ASN B 40 37.17 -36.27 25.16
CA ASN B 40 38.12 -35.40 24.49
C ASN B 40 37.40 -34.67 23.36
N ILE B 41 36.73 -33.58 23.70
CA ILE B 41 36.03 -32.78 22.68
C ILE B 41 36.43 -31.33 22.68
N SER B 42 36.09 -30.66 21.57
CA SER B 42 36.24 -29.22 21.45
C SER B 42 34.91 -28.49 21.70
N LEU B 43 35.00 -27.22 22.01
CA LEU B 43 33.85 -26.40 22.17
C LEU B 43 33.05 -26.36 20.85
N SER B 44 33.74 -26.32 19.71
CA SER B 44 33.10 -26.38 18.38
C SER B 44 32.23 -27.58 18.26
N GLN B 45 32.76 -28.76 18.66
CA GLN B 45 31.96 -30.02 18.63
C GLN B 45 30.70 -29.95 19.52
N LEU B 46 30.89 -29.50 20.73
CA LEU B 46 29.75 -29.35 21.67
C LEU B 46 28.65 -28.49 21.11
N ALA B 48 28.14 -27.73 17.89
CA ALA B 48 27.54 -28.34 16.70
C ALA B 48 26.52 -29.40 17.16
N TYR B 49 26.87 -30.17 18.21
CA TYR B 49 25.99 -31.21 18.71
C TYR B 49 24.66 -30.63 19.20
N LEU B 50 24.74 -29.55 19.94
CA LEU B 50 23.52 -28.91 20.47
C LEU B 50 22.61 -28.31 19.39
N GLU B 51 23.19 -27.77 18.36
CA GLU B 51 22.43 -27.36 17.23
C GLU B 51 21.75 -28.51 16.49
N GLY B 52 22.49 -29.56 16.20
CA GLY B 52 21.92 -30.83 15.72
C GLY B 52 20.76 -31.32 16.56
N SER B 54 18.75 -29.57 18.63
CA SER B 54 17.63 -28.63 18.59
C SER B 54 18.06 -27.34 17.92
N GLU B 55 17.22 -26.81 17.06
CA GLU B 55 17.46 -25.48 16.52
C GLU B 55 16.94 -24.35 17.42
N GLU B 56 16.17 -24.67 18.46
CA GLU B 56 15.61 -23.72 19.39
C GLU B 56 16.65 -23.34 20.45
N PRO B 57 17.09 -22.06 20.47
CA PRO B 57 18.02 -21.49 21.42
C PRO B 57 17.72 -21.76 22.91
N SER B 58 16.46 -21.78 23.27
CA SER B 58 16.06 -21.99 24.65
C SER B 58 16.29 -23.45 25.07
N GLU B 59 16.25 -24.35 24.08
CA GLU B 59 16.41 -25.78 24.35
C GLU B 59 17.90 -26.05 24.45
N GLN B 60 18.70 -25.43 23.57
CA GLN B 60 20.17 -25.49 23.65
C GLN B 60 20.66 -24.91 24.99
N PHE B 61 20.17 -23.76 25.38
CA PHE B 61 20.51 -23.18 26.68
C PHE B 61 20.17 -24.06 27.85
N MET B 63 19.65 -27.33 27.97
CA MET B 63 20.52 -28.49 27.97
C MET B 63 21.93 -28.19 28.52
N LEU B 64 22.43 -26.97 28.27
CA LEU B 64 23.74 -26.55 28.74
C LEU B 64 23.67 -26.34 30.25
N CYS B 65 22.61 -25.65 30.74
CA CYS B 65 22.37 -25.57 32.21
C CYS B 65 22.27 -26.92 32.94
N GLY B 66 21.45 -27.83 32.44
CA GLY B 66 21.40 -29.18 32.96
C GLY B 66 22.73 -29.94 32.89
N LEU B 67 23.48 -29.73 31.84
CA LEU B 67 24.80 -30.36 31.70
C LEU B 67 25.77 -29.76 32.66
N ARG B 68 25.78 -28.45 32.74
CA ARG B 68 26.58 -27.82 33.77
C ARG B 68 26.36 -28.52 35.11
N ASP B 69 25.12 -28.61 35.58
CA ASP B 69 24.88 -29.21 36.87
C ASP B 69 25.18 -30.71 36.96
N ALA B 70 24.89 -31.47 35.91
CA ALA B 70 25.21 -32.90 35.89
C ALA B 70 26.72 -33.15 35.96
N LEU B 71 27.50 -32.26 35.36
CA LEU B 71 28.96 -32.38 35.41
C LEU B 71 29.53 -32.29 36.83
N GLY B 73 28.34 -33.70 39.76
CA GLY B 73 28.42 -35.07 40.28
C GLY B 73 29.46 -35.99 39.62
N ARG B 74 30.09 -35.56 38.52
CA ARG B 74 31.09 -36.37 37.79
C ARG B 74 32.41 -35.62 37.70
N PRO B 75 33.11 -35.44 38.84
CA PRO B 75 34.44 -34.77 38.79
C PRO B 75 35.55 -35.40 37.92
N GLU B 76 35.32 -36.55 37.29
CA GLU B 76 36.31 -37.00 36.31
C GLU B 76 36.26 -36.11 35.06
N LEU B 77 35.04 -35.65 34.71
CA LEU B 77 34.73 -34.83 33.52
C LEU B 77 34.82 -33.27 33.70
N ALA B 78 35.53 -32.83 34.73
CA ALA B 78 35.53 -31.44 35.13
C ALA B 78 36.18 -30.49 34.12
N HIS B 79 37.03 -31.02 33.25
CA HIS B 79 37.56 -30.22 32.14
C HIS B 79 36.50 -29.74 31.15
N LEU B 80 35.36 -30.42 31.13
CA LEU B 80 34.27 -30.11 30.21
C LEU B 80 33.37 -29.02 30.76
N SER B 81 33.45 -28.76 32.05
CA SER B 81 32.70 -27.64 32.65
C SER B 81 33.15 -26.30 32.12
N HIS B 82 34.43 -26.15 31.82
CA HIS B 82 34.96 -24.93 31.23
C HIS B 82 34.30 -24.66 29.86
N LEU B 83 34.12 -25.71 29.05
CA LEU B 83 33.48 -25.60 27.75
C LEU B 83 32.00 -25.25 27.85
N VAL B 84 31.31 -25.95 28.75
CA VAL B 84 29.90 -25.69 28.97
C VAL B 84 29.76 -24.23 29.39
N GLU B 85 30.62 -23.81 30.30
CA GLU B 85 30.44 -22.47 30.84
C GLU B 85 30.76 -21.41 29.77
N GLN B 86 31.73 -21.67 28.91
CA GLN B 86 31.98 -20.72 27.85
C GLN B 86 30.80 -20.63 26.94
N ALA B 87 30.08 -21.73 26.72
CA ALA B 87 28.91 -21.70 25.80
C ALA B 87 27.75 -21.03 26.43
N LEU B 88 27.55 -21.20 27.74
CA LEU B 88 26.46 -20.48 28.40
C LEU B 88 26.63 -19.00 28.32
N VAL B 89 27.82 -18.55 28.63
CA VAL B 89 28.11 -17.12 28.65
C VAL B 89 27.85 -16.55 27.26
N SER B 90 28.35 -17.21 26.25
CA SER B 90 28.18 -16.69 24.90
C SER B 90 26.68 -16.67 24.47
N MET B 91 25.94 -17.72 24.82
CA MET B 91 24.47 -17.70 24.60
C MET B 91 23.74 -16.57 25.28
N ALA B 92 23.91 -16.45 26.59
CA ALA B 92 23.28 -15.37 27.36
C ALA B 92 23.63 -13.97 26.81
N GLU B 93 24.90 -13.77 26.39
CA GLU B 93 25.34 -12.52 25.77
C GLU B 93 24.78 -12.25 24.35
N GLU B 94 24.83 -13.19 23.43
CA GLU B 94 24.33 -13.01 22.05
C GLU B 94 22.82 -13.28 21.83
N GLN B 95 22.19 -14.13 22.63
CA GLN B 95 20.80 -14.56 22.41
C GLN B 95 19.91 -14.57 23.64
N GLY B 96 20.28 -13.79 24.66
CA GLY B 96 19.46 -13.70 25.86
C GLY B 96 17.98 -13.59 25.60
N GLU B 97 17.59 -12.55 24.84
CA GLU B 97 16.17 -12.27 24.57
C GLU B 97 15.47 -13.40 23.77
N THR B 98 16.16 -13.87 22.75
CA THR B 98 15.65 -14.96 21.95
C THR B 98 15.40 -16.19 22.78
N ILE B 99 16.19 -16.37 23.85
CA ILE B 99 16.17 -17.58 24.68
C ILE B 99 15.02 -17.48 25.64
N VAL B 100 14.89 -16.36 26.34
CA VAL B 100 13.79 -16.16 27.27
C VAL B 100 12.40 -16.15 26.57
N LEU B 101 12.24 -15.44 25.47
CA LEU B 101 11.03 -15.57 24.64
C LEU B 101 10.69 -17.02 24.25
N GLY B 102 11.68 -17.78 23.79
CA GLY B 102 11.42 -19.16 23.39
C GLY B 102 10.90 -19.96 24.59
N ALA B 103 11.50 -19.73 25.76
CA ALA B 103 11.14 -20.46 26.96
C ALA B 103 9.74 -20.04 27.34
N ARG B 104 9.49 -18.74 27.23
CA ARG B 104 8.22 -18.18 27.70
C ARG B 104 7.08 -18.78 26.89
N ILE B 105 7.24 -18.94 25.57
CA ILE B 105 6.12 -19.43 24.79
C ILE B 105 6.04 -20.96 24.82
N THR B 106 7.06 -21.65 25.31
CA THR B 106 7.10 -23.14 25.17
C THR B 106 5.87 -23.83 25.81
N PRO B 107 5.45 -23.39 26.99
CA PRO B 107 4.28 -24.07 27.53
C PRO B 107 3.02 -23.99 26.63
N GLU B 108 2.64 -22.79 26.20
CA GLU B 108 1.50 -22.58 25.29
C GLU B 108 1.69 -23.25 23.89
N ALA B 109 2.90 -23.17 23.33
CA ALA B 109 3.16 -23.70 22.00
C ALA B 109 3.10 -25.23 22.05
N TYR B 110 3.57 -25.79 23.14
CA TYR B 110 3.47 -27.22 23.33
C TYR B 110 2.01 -27.72 23.41
N ARG B 111 1.19 -27.06 24.21
CA ARG B 111 -0.22 -27.40 24.28
C ARG B 111 -0.93 -27.21 22.91
N GLU B 112 -0.64 -26.13 22.21
CA GLU B 112 -1.24 -25.92 20.91
C GLU B 112 -0.82 -27.04 19.93
N SER B 113 0.41 -27.50 20.00
CA SER B 113 0.87 -28.54 19.07
C SER B 113 0.27 -29.91 19.38
N GLN B 114 -0.23 -30.12 20.60
CA GLN B 114 -0.82 -31.39 20.99
C GLN B 114 -2.19 -31.58 20.37
N SER B 115 -2.76 -30.53 19.77
CA SER B 115 -3.96 -30.67 18.95
C SER B 115 -3.67 -31.36 17.59
N GLY B 116 -2.42 -31.54 17.26
CA GLY B 116 -2.02 -32.44 16.17
C GLY B 116 -1.76 -31.77 14.84
N VAL B 117 -1.97 -30.47 14.71
CA VAL B 117 -1.84 -29.84 13.41
C VAL B 117 -0.82 -28.74 13.32
N ASN B 118 -0.58 -28.00 14.38
CA ASN B 118 0.31 -26.83 14.30
C ASN B 118 1.56 -27.21 15.06
N PRO B 119 2.70 -27.37 14.35
CA PRO B 119 3.87 -27.81 15.09
C PRO B 119 4.48 -26.76 16.03
N LEU B 120 5.19 -27.27 17.02
CA LEU B 120 5.75 -26.49 18.12
C LEU B 120 6.70 -25.39 17.66
N GLN B 121 7.67 -25.77 16.83
CA GLN B 121 8.71 -24.82 16.51
C GLN B 121 8.22 -23.60 15.70
N PRO B 122 7.49 -23.81 14.59
CA PRO B 122 6.89 -22.62 13.93
C PRO B 122 5.98 -21.78 14.86
N LEU B 123 5.35 -22.43 15.84
CA LEU B 123 4.51 -21.72 16.77
C LEU B 123 5.41 -20.77 17.55
N ARG B 124 6.51 -21.31 18.08
CA ARG B 124 7.55 -20.53 18.75
C ARG B 124 8.19 -19.40 17.96
N ASP B 125 8.65 -19.73 16.74
CA ASP B 125 9.26 -18.74 15.87
C ASP B 125 8.20 -17.67 15.58
N THR B 126 6.95 -18.05 15.38
CA THR B 126 5.94 -17.05 15.01
C THR B 126 5.75 -16.06 16.17
N TYR B 127 5.71 -16.55 17.39
CA TYR B 127 5.52 -15.67 18.51
C TYR B 127 6.68 -14.70 18.65
N ARG B 128 7.86 -15.27 18.60
CA ARG B 128 9.08 -14.55 18.86
C ARG B 128 9.38 -13.46 17.82
N ASP B 129 9.17 -13.77 16.56
CA ASP B 129 9.19 -12.77 15.50
C ASP B 129 8.16 -11.66 15.73
N ALA B 130 6.96 -11.97 16.16
CA ALA B 130 5.96 -10.90 16.45
C ALA B 130 6.48 -9.93 17.49
N VAL B 131 7.25 -10.43 18.43
CA VAL B 131 7.69 -9.64 19.57
C VAL B 131 9.00 -8.86 19.28
N MET B 132 9.90 -9.53 18.59
CA MET B 132 11.23 -9.00 18.39
C MET B 132 11.38 -8.13 17.13
N GLY B 133 10.66 -8.48 16.07
CA GLY B 133 10.67 -7.71 14.84
C GLY B 133 9.39 -7.88 14.02
N TYR B 134 8.31 -7.23 14.47
CA TYR B 134 7.05 -7.25 13.77
C TYR B 134 7.18 -6.40 12.47
N GLN B 135 6.75 -6.93 11.33
CA GLN B 135 6.86 -6.20 10.07
C GLN B 135 5.50 -5.83 9.45
N GLY B 136 4.40 -5.95 10.22
CA GLY B 136 3.11 -5.46 9.71
C GLY B 136 2.20 -6.60 9.40
N ILE B 137 0.97 -6.27 9.04
CA ILE B 137 -0.08 -7.23 8.86
C ILE B 137 0.04 -8.10 7.61
N TYR B 138 0.43 -7.52 6.47
CA TYR B 138 0.63 -8.34 5.29
C TYR B 138 1.71 -9.38 5.57
N ALA B 139 2.84 -8.97 6.16
CA ALA B 139 3.98 -9.85 6.42
C ALA B 139 3.63 -10.98 7.39
N ILE B 140 2.88 -10.67 8.45
CA ILE B 140 2.47 -11.76 9.35
C ILE B 140 1.51 -12.77 8.68
N TRP B 141 0.53 -12.29 7.94
CA TRP B 141 -0.33 -13.15 7.15
C TRP B 141 0.53 -14.04 6.27
N SER B 142 1.52 -13.45 5.64
CA SER B 142 2.33 -14.17 4.65
C SER B 142 3.23 -15.21 5.36
N ASP B 143 3.82 -14.85 6.49
CA ASP B 143 4.59 -15.80 7.30
C ASP B 143 3.74 -16.94 7.88
N LEU B 144 2.51 -16.64 8.31
CA LEU B 144 1.59 -17.70 8.76
C LEU B 144 1.26 -18.73 7.68
N GLN B 145 1.01 -18.24 6.46
CA GLN B 145 0.77 -19.12 5.30
C GLN B 145 1.94 -20.02 4.97
N ARG B 147 4.49 -20.96 7.04
CA ARG B 147 4.86 -21.85 8.15
C ARG B 147 3.81 -22.89 8.46
N PHE B 148 2.56 -22.60 8.13
CA PHE B 148 1.46 -23.48 8.46
C PHE B 148 0.62 -23.77 7.22
N PRO B 149 1.23 -24.27 6.12
CA PRO B 149 0.48 -24.50 4.86
C PRO B 149 -0.63 -25.57 4.97
N ASN B 150 -0.43 -26.58 5.80
CA ASN B 150 -1.47 -27.54 6.07
C ASN B 150 -1.85 -27.52 7.58
N GLY B 151 -1.69 -26.34 8.23
CA GLY B 151 -2.02 -26.16 9.65
C GLY B 151 -3.35 -25.46 9.83
N ASP B 152 -3.60 -24.96 11.03
CA ASP B 152 -4.93 -24.40 11.38
C ASP B 152 -4.62 -22.95 11.74
N ILE B 153 -4.69 -22.05 10.77
CA ILE B 153 -4.17 -20.68 10.98
C ILE B 153 -5.03 -19.85 11.99
N ASP B 154 -6.34 -20.05 11.99
CA ASP B 154 -7.24 -19.39 12.99
C ASP B 154 -6.83 -19.81 14.44
N SER B 155 -6.46 -21.06 14.63
CA SER B 155 -6.01 -21.52 15.90
C SER B 155 -4.66 -20.88 16.22
N VAL B 156 -3.76 -20.68 15.21
CA VAL B 156 -2.48 -20.01 15.42
C VAL B 156 -2.67 -18.55 15.85
N ILE B 157 -3.47 -17.80 15.11
CA ILE B 157 -3.84 -16.40 15.47
C ILE B 157 -4.40 -16.34 16.91
N LEU B 158 -5.27 -17.25 17.28
CA LEU B 158 -5.76 -17.35 18.62
C LEU B 158 -4.67 -17.51 19.65
N PHE B 159 -3.73 -18.41 19.38
CA PHE B 159 -2.62 -18.71 20.33
C PHE B 159 -1.74 -17.48 20.52
N LEU B 160 -1.47 -16.78 19.42
CA LEU B 160 -0.66 -15.59 19.45
C LEU B 160 -1.31 -14.45 20.21
N GLN B 161 -2.54 -14.14 19.85
CA GLN B 161 -3.30 -13.10 20.54
C GLN B 161 -3.30 -13.33 22.06
N ALA B 163 -1.27 -15.17 23.72
CA ALA B 163 0.10 -15.08 24.23
C ALA B 163 0.47 -13.61 24.45
N LEU B 164 0.21 -12.79 23.45
CA LEU B 164 0.59 -11.37 23.47
C LEU B 164 -0.23 -10.48 24.43
N SER B 165 -1.49 -10.86 24.62
CA SER B 165 -2.36 -10.26 25.60
C SER B 165 -1.82 -10.41 27.02
N ALA B 166 -1.49 -11.67 27.35
CA ALA B 166 -0.79 -12.06 28.54
C ALA B 166 0.45 -11.19 28.80
N ASP B 167 1.27 -11.03 27.75
CA ASP B 167 2.51 -10.23 27.79
C ASP B 167 2.12 -8.80 28.14
N LEU B 168 1.04 -8.31 27.55
CA LEU B 168 0.59 -6.95 27.76
C LEU B 168 0.27 -6.74 29.22
N GLN B 169 -0.46 -7.69 29.82
CA GLN B 169 -0.86 -7.53 31.24
C GLN B 169 0.36 -7.17 32.06
N SER B 170 1.47 -7.87 31.80
CA SER B 170 2.68 -7.75 32.64
C SER B 170 3.76 -6.80 32.09
N GLN B 171 3.41 -5.93 31.13
CA GLN B 171 4.44 -5.25 30.33
C GLN B 171 5.11 -4.11 31.10
N GLN B 172 6.44 -4.09 30.97
CA GLN B 172 7.39 -3.37 31.82
C GLN B 172 7.79 -1.95 31.30
N SER B 173 6.95 -1.38 30.43
CA SER B 173 7.41 -0.41 29.44
C SER B 173 6.23 0.48 29.07
N GLY B 174 6.23 0.98 27.84
CA GLY B 174 5.25 1.96 27.31
C GLY B 174 5.30 1.84 25.79
N SER B 175 6.52 1.92 25.24
CA SER B 175 6.79 1.63 23.84
C SER B 175 6.61 0.13 23.54
N GLY B 176 6.99 -0.73 24.47
CA GLY B 176 6.67 -2.17 24.46
C GLY B 176 5.16 -2.43 24.45
N ARG B 177 4.42 -1.74 25.33
CA ARG B 177 2.93 -1.77 25.36
C ARG B 177 2.30 -1.39 24.03
N GLU B 178 2.84 -0.35 23.40
CA GLU B 178 2.39 0.06 22.08
C GLU B 178 2.62 -1.04 21.04
N LEU B 180 3.03 -4.30 21.27
CA LEU B 180 2.12 -5.43 21.50
C LEU B 180 0.70 -5.10 21.10
N GLY B 181 0.24 -3.90 21.46
CA GLY B 181 -1.04 -3.39 21.02
C GLY B 181 -1.21 -3.43 19.48
N ILE B 182 -0.19 -3.08 18.72
CA ILE B 182 -0.26 -3.03 17.21
C ILE B 182 -0.46 -4.44 16.63
N VAL B 183 0.37 -5.35 17.09
CA VAL B 183 0.23 -6.72 16.73
C VAL B 183 -1.13 -7.28 17.13
N ILE B 184 -1.58 -7.04 18.33
CA ILE B 184 -2.86 -7.64 18.70
C ILE B 184 -4.03 -7.11 17.87
N SER B 185 -4.08 -5.82 17.61
CA SER B 185 -5.14 -5.29 16.80
C SER B 185 -5.04 -5.76 15.36
N ASP B 186 -3.82 -5.94 14.86
CA ASP B 186 -3.65 -6.53 13.50
C ASP B 186 -4.17 -7.94 13.52
N LEU B 187 -3.83 -8.72 14.55
CA LEU B 187 -4.41 -10.06 14.72
C LEU B 187 -5.94 -10.08 14.81
N GLN B 188 -6.53 -9.11 15.50
CA GLN B 188 -7.96 -8.97 15.55
C GLN B 188 -8.55 -8.71 14.14
N LEU B 190 -7.22 -9.62 11.21
CA LEU B 190 -7.09 -10.87 10.47
C LEU B 190 -8.21 -11.84 10.85
N GLU B 192 -11.28 -10.90 11.86
CA GLU B 192 -12.48 -10.34 11.25
C GLU B 192 -12.45 -10.59 9.78
N PHE B 193 -11.29 -10.45 9.18
CA PHE B 193 -11.10 -10.82 7.80
C PHE B 193 -11.42 -12.32 7.60
N GLY B 194 -11.02 -13.17 8.56
CA GLY B 194 -11.31 -14.62 8.51
C GLY B 194 -12.80 -14.89 8.45
N SER B 195 -13.59 -14.00 9.04
CA SER B 195 -15.05 -14.17 9.11
C SER B 195 -15.76 -13.89 7.79
N VAL B 196 -15.05 -13.35 6.82
CA VAL B 196 -15.60 -13.19 5.46
C VAL B 196 -14.86 -14.06 4.45
N SER B 197 -14.30 -15.16 4.89
CA SER B 197 -13.42 -15.91 4.03
C SER B 197 -14.16 -16.57 2.87
N ASP B 198 -15.40 -17.00 3.11
CA ASP B 198 -16.28 -17.55 2.07
C ASP B 198 -16.75 -16.51 1.02
N GLN B 199 -17.04 -15.28 1.48
CA GLN B 199 -17.31 -14.15 0.58
C GLN B 199 -16.15 -13.85 -0.39
N VAL B 200 -14.92 -13.83 0.16
CA VAL B 200 -13.66 -13.73 -0.61
C VAL B 200 -13.45 -14.91 -1.57
N GLY B 202 -15.72 -16.95 -2.72
CA GLY B 202 -16.70 -16.80 -3.78
C GLY B 202 -16.27 -15.94 -4.98
N PHE B 203 -15.71 -14.77 -4.65
CA PHE B 203 -15.24 -13.83 -5.66
C PHE B 203 -14.13 -14.51 -6.43
N TRP B 204 -13.16 -14.98 -5.66
CA TRP B 204 -11.95 -15.62 -6.14
C TRP B 204 -12.21 -16.80 -7.08
N GLN B 205 -13.07 -17.72 -6.65
CA GLN B 205 -13.38 -18.91 -7.44
C GLN B 205 -14.04 -18.54 -8.75
N PHE B 206 -14.95 -17.56 -8.67
CA PHE B 206 -15.61 -17.13 -9.84
C PHE B 206 -14.66 -16.58 -10.95
N PHE B 207 -13.70 -15.72 -10.60
CA PHE B 207 -12.88 -15.05 -11.62
C PHE B 207 -11.56 -15.75 -11.84
N SER B 208 -11.19 -16.68 -10.95
CA SER B 208 -9.94 -17.44 -11.09
C SER B 208 -10.19 -18.66 -11.94
N ALA C 2 -1.17 0.03 -29.44
CA ALA C 2 -0.40 1.28 -29.14
C ALA C 2 -0.01 1.38 -27.66
N TYR C 3 1.23 1.02 -27.32
CA TYR C 3 1.79 1.20 -25.97
C TYR C 3 2.80 2.36 -25.94
N ASP C 4 2.28 3.55 -25.69
CA ASP C 4 3.08 4.75 -25.50
C ASP C 4 4.14 4.63 -24.36
N LEU C 5 5.21 5.39 -24.55
CA LEU C 5 6.28 5.51 -23.59
C LEU C 5 5.75 6.08 -22.27
N SER C 6 4.87 7.08 -22.33
CA SER C 6 4.38 7.69 -21.12
C SER C 6 3.44 6.74 -20.38
N GLU C 7 2.85 5.79 -21.13
CA GLU C 7 1.99 4.75 -20.58
C GLU C 7 2.82 3.75 -19.77
N PHE C 8 3.94 3.31 -20.36
CA PHE C 8 4.86 2.34 -19.73
C PHE C 8 5.51 2.96 -18.51
N MET C 9 5.95 4.21 -18.63
CA MET C 9 6.41 4.94 -17.45
C MET C 9 5.31 5.00 -16.36
N GLY C 10 4.06 5.15 -16.76
CA GLY C 10 2.93 5.19 -15.81
C GLY C 10 2.71 3.82 -15.15
N ASP C 11 2.87 2.74 -15.95
CA ASP C 11 2.78 1.41 -15.38
C ASP C 11 3.91 1.19 -14.31
N ILE C 12 5.14 1.61 -14.62
CA ILE C 12 6.24 1.54 -13.68
C ILE C 12 5.96 2.35 -12.38
N VAL C 13 5.58 3.60 -12.54
CA VAL C 13 5.14 4.41 -11.39
C VAL C 13 4.12 3.65 -10.54
N ALA C 14 3.11 3.04 -11.17
CA ALA C 14 2.06 2.38 -10.38
C ALA C 14 2.59 1.13 -9.71
N LEU C 15 3.53 0.46 -10.38
CA LEU C 15 4.12 -0.76 -9.84
C LEU C 15 4.98 -0.50 -8.61
N VAL C 16 5.76 0.57 -8.67
CA VAL C 16 6.69 0.94 -7.61
C VAL C 16 5.90 1.56 -6.43
N ASP C 17 4.70 2.04 -6.72
CA ASP C 17 3.80 2.63 -5.73
C ASP C 17 3.00 1.56 -4.93
N ARG C 19 2.20 -1.32 -2.56
CA ARG C 19 2.70 -2.01 -1.38
C ARG C 19 2.59 -3.52 -1.63
N TRP C 20 3.71 -4.19 -1.57
CA TRP C 20 3.75 -5.63 -1.62
C TRP C 20 3.27 -6.09 -2.92
N ALA C 21 3.92 -5.62 -3.98
CA ALA C 21 3.65 -6.09 -5.27
C ALA C 21 3.83 -7.60 -5.27
N GLY C 22 3.38 -8.23 -6.35
CA GLY C 22 3.46 -9.66 -6.47
C GLY C 22 3.83 -10.04 -7.90
N ILE C 23 3.86 -11.32 -8.20
CA ILE C 23 4.43 -11.76 -9.48
C ILE C 23 3.60 -11.32 -10.69
N HIS C 24 2.27 -11.24 -10.57
CA HIS C 24 1.39 -10.86 -11.70
C HIS C 24 1.48 -9.39 -12.01
N ASP C 25 1.88 -8.58 -11.04
CA ASP C 25 2.03 -7.18 -11.27
C ASP C 25 3.21 -6.96 -12.23
N ILE C 26 4.19 -7.82 -12.15
CA ILE C 26 5.33 -7.78 -13.08
C ILE C 26 4.99 -8.34 -14.45
N GLU C 27 4.17 -9.36 -14.51
CA GLU C 27 3.83 -9.99 -15.79
C GLU C 27 2.89 -9.06 -16.53
N HIS C 28 2.13 -8.30 -15.78
CA HIS C 28 1.29 -7.28 -16.36
C HIS C 28 2.06 -6.31 -17.27
N LEU C 29 3.24 -5.90 -16.81
CA LEU C 29 4.13 -5.05 -17.58
C LEU C 29 4.50 -5.70 -18.89
N ALA C 30 4.82 -6.99 -18.87
CA ALA C 30 5.31 -7.70 -20.06
C ALA C 30 4.24 -7.85 -21.11
N ASN C 31 3.05 -8.21 -20.67
CA ASN C 31 1.87 -8.35 -21.53
C ASN C 31 1.51 -7.09 -22.33
N ALA C 32 1.80 -5.94 -21.75
CA ALA C 32 1.60 -4.65 -22.41
C ALA C 32 2.45 -4.52 -23.67
N PHE C 33 3.60 -5.23 -23.69
CA PHE C 33 4.50 -5.29 -24.83
C PHE C 33 4.16 -6.37 -25.80
N SER C 34 3.38 -7.36 -25.39
CA SER C 34 2.92 -8.36 -26.33
C SER C 34 4.19 -8.92 -27.06
N LEU C 35 4.97 -9.65 -26.27
CA LEU C 35 6.24 -10.23 -26.65
C LEU C 35 5.98 -11.52 -27.43
N PRO C 36 6.55 -11.67 -28.64
CA PRO C 36 6.16 -12.82 -29.45
C PRO C 36 7.14 -13.98 -29.41
N THR C 37 7.22 -14.66 -28.26
CA THR C 37 8.19 -15.74 -28.02
C THR C 37 8.52 -15.91 -26.53
N PRO C 38 8.70 -17.16 -26.07
CA PRO C 38 9.07 -17.37 -24.64
C PRO C 38 10.49 -16.91 -24.24
N GLU C 39 11.48 -17.02 -25.12
CA GLU C 39 12.84 -16.57 -24.79
C GLU C 39 13.03 -15.04 -24.67
N ILE C 40 12.24 -14.29 -25.45
CA ILE C 40 12.17 -12.83 -25.45
C ILE C 40 11.52 -12.34 -24.15
N VAL C 42 11.68 -14.12 -21.25
CA VAL C 42 12.69 -14.38 -20.23
C VAL C 42 13.68 -13.19 -20.21
N ARG C 43 14.11 -12.74 -21.41
CA ARG C 43 15.02 -11.61 -21.54
C ARG C 43 14.39 -10.38 -20.88
N PHE C 44 13.15 -10.12 -21.24
CA PHE C 44 12.38 -9.00 -20.73
C PHE C 44 12.49 -8.89 -19.21
N TYR C 45 12.29 -10.03 -18.53
CA TYR C 45 12.25 -10.01 -17.07
C TYR C 45 13.65 -9.89 -16.52
N GLN C 46 14.66 -10.40 -17.24
CA GLN C 46 16.05 -10.25 -16.76
C GLN C 46 16.51 -8.80 -16.84
N ASP C 47 16.21 -8.18 -17.99
CA ASP C 47 16.55 -6.79 -18.24
C ASP C 47 15.71 -5.82 -17.38
N LEU C 48 14.49 -6.21 -17.06
CA LEU C 48 13.62 -5.43 -16.14
C LEU C 48 14.19 -5.38 -14.72
N ARG C 50 17.21 -5.99 -13.70
CA ARG C 50 18.44 -5.24 -13.83
C ARG C 50 18.17 -3.73 -13.84
N MET C 51 17.20 -3.29 -14.65
CA MET C 51 16.79 -1.87 -14.67
C MET C 51 16.35 -1.38 -13.31
N PHE C 52 15.45 -2.09 -12.65
CA PHE C 52 14.93 -1.70 -11.34
C PHE C 52 15.98 -1.68 -10.28
N ARG C 53 16.94 -2.56 -10.41
CA ARG C 53 18.01 -2.67 -9.44
C ARG C 53 19.01 -1.49 -9.51
N LEU C 54 19.05 -0.80 -10.65
CA LEU C 54 19.90 0.39 -10.83
C LEU C 54 19.18 1.67 -10.57
N PHE C 55 17.89 1.61 -10.25
CA PHE C 55 17.09 2.78 -9.91
C PHE C 55 17.59 3.31 -8.61
N PRO C 56 17.66 4.64 -8.47
CA PRO C 56 18.02 5.17 -7.17
C PRO C 56 17.02 4.81 -6.06
N LEU C 57 17.54 4.78 -4.85
CA LEU C 57 16.77 4.35 -3.71
C LEU C 57 15.58 5.31 -3.52
N GLY C 58 15.77 6.56 -3.91
CA GLY C 58 14.70 7.59 -3.91
C GLY C 58 13.36 7.30 -4.55
N VAL C 59 13.33 6.49 -5.61
CA VAL C 59 12.06 6.26 -6.33
C VAL C 59 11.15 5.25 -5.62
N PHE C 60 11.73 4.43 -4.74
CA PHE C 60 10.98 3.44 -3.97
C PHE C 60 10.47 3.98 -2.62
N SER C 61 9.43 3.32 -2.13
CA SER C 61 8.81 3.60 -0.86
C SER C 61 9.67 3.28 0.35
N ASP C 62 10.42 2.18 0.30
CA ASP C 62 11.04 1.52 1.46
C ASP C 62 12.12 0.67 0.86
N GLU C 63 13.18 0.37 1.59
CA GLU C 63 14.16 -0.61 1.13
C GLU C 63 13.48 -1.98 1.08
N GLU C 64 12.56 -2.24 2.01
CA GLU C 64 11.78 -3.47 2.04
C GLU C 64 10.89 -3.67 0.80
N GLN C 65 10.20 -2.62 0.41
CA GLN C 65 9.43 -2.65 -0.84
C GLN C 65 10.34 -2.73 -2.07
N ARG C 66 11.49 -2.10 -2.02
CA ARG C 66 12.50 -2.31 -3.10
C ARG C 66 12.92 -3.77 -3.21
N GLN C 67 13.21 -4.41 -2.07
CA GLN C 67 13.64 -5.80 -2.09
C GLN C 67 12.51 -6.72 -2.52
N ASN C 68 11.35 -6.50 -1.92
CA ASN C 68 10.20 -7.22 -2.38
C ASN C 68 10.05 -7.13 -3.93
N LEU C 69 10.24 -5.95 -4.51
CA LEU C 69 9.94 -5.75 -5.90
C LEU C 69 10.94 -6.50 -6.72
N LEU C 70 12.20 -6.45 -6.31
CA LEU C 70 13.27 -7.19 -6.98
C LEU C 70 13.20 -8.73 -6.84
N GLN C 71 12.66 -9.19 -5.71
CA GLN C 71 12.37 -10.60 -5.52
C GLN C 71 11.23 -11.08 -6.45
N MET C 72 10.22 -10.25 -6.67
CA MET C 72 9.13 -10.59 -7.58
C MET C 72 9.60 -10.65 -9.02
N CYS C 73 10.50 -9.74 -9.41
CA CYS C 73 11.18 -9.80 -10.73
C CYS C 73 11.90 -11.14 -10.91
N GLN C 74 12.66 -11.54 -9.89
CA GLN C 74 13.36 -12.79 -9.86
C GLN C 74 12.41 -13.94 -9.97
N ASN C 75 11.31 -13.91 -9.22
CA ASN C 75 10.32 -14.96 -9.40
C ASN C 75 9.74 -14.94 -10.83
N ALA C 76 9.59 -13.74 -11.42
CA ALA C 76 9.06 -13.63 -12.77
C ALA C 76 10.02 -14.27 -13.76
N ILE C 77 11.31 -13.99 -13.64
CA ILE C 77 12.34 -14.61 -14.53
C ILE C 77 12.24 -16.14 -14.42
N ASP C 78 12.20 -16.63 -13.17
CA ASP C 78 12.05 -18.09 -12.90
C ASP C 78 10.78 -18.67 -13.54
N MET C 79 9.64 -18.01 -13.33
CA MET C 79 8.42 -18.38 -14.05
C MET C 79 8.63 -18.46 -15.58
N ALA C 80 9.38 -17.52 -16.15
CA ALA C 80 9.42 -17.38 -17.60
C ALA C 80 10.30 -18.46 -18.19
N ILE C 81 11.33 -18.80 -17.41
CA ILE C 81 12.25 -19.88 -17.72
C ILE C 81 11.52 -21.23 -17.73
N GLU C 82 10.85 -21.53 -16.62
CA GLU C 82 10.04 -22.74 -16.53
C GLU C 82 9.04 -22.89 -17.70
N SER C 83 8.34 -21.80 -17.98
CA SER C 83 7.37 -21.76 -19.06
C SER C 83 8.01 -22.03 -20.44
N GLU C 84 9.20 -21.46 -20.64
CA GLU C 84 10.06 -21.71 -21.80
C GLU C 84 10.40 -23.22 -21.88
N GLU C 85 10.72 -23.80 -20.73
CA GLU C 85 11.02 -25.23 -20.68
C GLU C 85 9.80 -26.09 -20.99
N GLU C 86 8.66 -25.77 -20.37
CA GLU C 86 7.41 -26.50 -20.64
C GLU C 86 7.07 -26.55 -22.13
N GLU C 87 7.18 -25.42 -22.82
CA GLU C 87 6.93 -25.37 -24.28
C GLU C 87 7.87 -26.29 -25.06
N LEU C 88 9.09 -26.49 -24.53
CA LEU C 88 10.09 -27.38 -25.17
C LEU C 88 10.11 -28.82 -24.60
N SER C 89 9.32 -29.08 -23.56
CA SER C 89 9.27 -30.35 -22.87
C SER C 89 8.55 -31.47 -23.65
N GLU C 90 7.69 -31.08 -24.60
CA GLU C 90 6.92 -32.03 -25.43
C GLU C 90 7.21 -31.83 -26.89
N LEU C 91 7.17 -32.93 -27.63
CA LEU C 91 7.44 -32.86 -29.06
C LEU C 91 6.20 -32.47 -29.84
N ASP C 92 5.07 -33.06 -29.44
CA ASP C 92 3.75 -32.89 -30.08
C ASP C 92 3.74 -33.44 -31.50
N ALA D 2 -0.34 -19.09 -11.13
CA ALA D 2 -1.57 -19.56 -10.41
C ALA D 2 -1.72 -18.77 -9.12
N TYR D 3 -2.92 -18.26 -8.91
CA TYR D 3 -3.15 -17.24 -7.97
C TYR D 3 -4.01 -17.86 -6.89
N ASP D 4 -3.38 -18.33 -5.85
CA ASP D 4 -4.09 -19.05 -4.82
C ASP D 4 -4.90 -18.06 -4.00
N LEU D 5 -5.91 -18.62 -3.36
CA LEU D 5 -6.82 -17.85 -2.50
C LEU D 5 -6.10 -17.07 -1.44
N SER D 6 -5.12 -17.69 -0.80
CA SER D 6 -4.41 -17.07 0.32
C SER D 6 -3.54 -15.92 -0.20
N GLU D 7 -3.12 -16.01 -1.44
CA GLU D 7 -2.42 -14.93 -2.10
C GLU D 7 -3.36 -13.76 -2.42
N PHE D 8 -4.56 -14.04 -2.94
CA PHE D 8 -5.64 -13.02 -3.03
C PHE D 8 -6.02 -12.40 -1.68
N MET D 9 -6.16 -13.24 -0.66
CA MET D 9 -6.49 -12.74 0.65
C MET D 9 -5.39 -11.79 1.14
N GLY D 10 -4.12 -12.15 0.92
CA GLY D 10 -2.99 -11.29 1.28
C GLY D 10 -2.99 -9.95 0.57
N ASP D 11 -3.22 -9.98 -0.74
CA ASP D 11 -3.31 -8.76 -1.49
C ASP D 11 -4.50 -7.87 -1.03
N ILE D 12 -5.61 -8.47 -0.62
CA ILE D 12 -6.72 -7.68 -0.02
C ILE D 12 -6.26 -7.08 1.31
N VAL D 13 -5.52 -7.85 2.12
CA VAL D 13 -4.99 -7.36 3.41
C VAL D 13 -4.07 -6.13 3.29
N ALA D 14 -3.07 -6.25 2.39
CA ALA D 14 -2.20 -5.14 2.04
C ALA D 14 -2.99 -3.94 1.56
N LEU D 15 -4.01 -4.11 0.75
CA LEU D 15 -4.81 -2.98 0.31
C LEU D 15 -5.64 -2.33 1.43
N VAL D 16 -6.15 -3.14 2.31
CA VAL D 16 -7.03 -2.61 3.28
C VAL D 16 -6.14 -1.92 4.39
N ASP D 17 -4.86 -2.28 4.46
CA ASP D 17 -3.91 -1.71 5.43
C ASP D 17 -3.35 -0.35 4.99
N ARG D 19 -3.34 3.53 3.81
CA ARG D 19 -4.05 4.81 3.81
C ARG D 19 -4.02 5.49 2.40
N TRP D 20 -5.16 6.04 2.00
CA TRP D 20 -5.32 6.80 0.79
C TRP D 20 -4.89 5.98 -0.41
N ALA D 21 -5.62 4.88 -0.56
CA ALA D 21 -5.58 4.01 -1.67
C ALA D 21 -6.08 4.79 -2.89
N GLY D 22 -5.40 4.54 -4.02
CA GLY D 22 -5.63 5.21 -5.29
C GLY D 22 -6.23 4.23 -6.25
N ILE D 23 -6.59 4.73 -7.42
CA ILE D 23 -7.32 3.89 -8.38
C ILE D 23 -6.52 2.67 -8.91
N HIS D 24 -5.23 2.82 -9.12
CA HIS D 24 -4.36 1.72 -9.45
C HIS D 24 -4.33 0.64 -8.37
N ASP D 25 -4.60 0.99 -7.11
CA ASP D 25 -4.55 -0.03 -6.06
C ASP D 25 -5.64 -1.06 -6.24
N ILE D 26 -6.76 -0.59 -6.76
CA ILE D 26 -7.94 -1.37 -7.16
C ILE D 26 -7.77 -2.01 -8.54
N GLU D 27 -7.38 -1.26 -9.55
CA GLU D 27 -7.16 -1.85 -10.87
C GLU D 27 -6.08 -2.93 -10.94
N HIS D 28 -4.95 -2.78 -10.25
CA HIS D 28 -3.94 -3.80 -10.19
C HIS D 28 -4.43 -5.10 -9.66
N LEU D 29 -5.52 -5.13 -8.90
CA LEU D 29 -6.02 -6.40 -8.37
C LEU D 29 -6.40 -7.34 -9.54
N ALA D 30 -6.82 -6.77 -10.67
CA ALA D 30 -7.23 -7.52 -11.80
C ALA D 30 -6.01 -8.19 -12.46
N ASN D 31 -4.77 -7.81 -12.13
CA ASN D 31 -3.57 -8.32 -12.84
C ASN D 31 -3.47 -9.82 -12.67
N ALA D 32 -3.98 -10.29 -11.54
CA ALA D 32 -3.89 -11.69 -11.20
C ALA D 32 -5.04 -12.53 -11.72
N PHE D 33 -5.95 -11.97 -12.51
CA PHE D 33 -7.09 -12.68 -13.04
C PHE D 33 -7.09 -12.57 -14.56
N SER D 34 -7.55 -13.64 -15.21
CA SER D 34 -7.89 -13.62 -16.62
C SER D 34 -9.25 -12.97 -16.94
N LEU D 35 -9.22 -11.76 -17.49
CA LEU D 35 -10.44 -10.98 -17.79
C LEU D 35 -10.46 -10.54 -19.27
N PRO D 36 -10.74 -11.47 -20.19
CA PRO D 36 -10.49 -11.23 -21.62
C PRO D 36 -11.53 -10.38 -22.37
N THR D 37 -12.59 -9.95 -21.71
CA THR D 37 -13.60 -9.09 -22.38
C THR D 37 -13.89 -7.84 -21.54
N PRO D 38 -14.38 -6.77 -22.21
CA PRO D 38 -14.69 -5.54 -21.50
C PRO D 38 -15.79 -5.84 -20.50
N GLU D 39 -16.73 -6.71 -20.88
CA GLU D 39 -17.88 -7.03 -20.05
C GLU D 39 -17.47 -7.73 -18.76
N ILE D 40 -16.49 -8.62 -18.85
CA ILE D 40 -16.11 -9.37 -17.66
C ILE D 40 -15.28 -8.49 -16.71
N VAL D 42 -15.97 -5.20 -16.37
CA VAL D 42 -16.99 -4.42 -15.66
C VAL D 42 -17.54 -5.22 -14.47
N ARG D 43 -17.81 -6.51 -14.72
CA ARG D 43 -18.42 -7.35 -13.74
C ARG D 43 -17.53 -7.60 -12.54
N PHE D 44 -16.23 -7.73 -12.80
CA PHE D 44 -15.14 -7.86 -11.80
C PHE D 44 -15.10 -6.70 -10.81
N TYR D 45 -15.17 -5.47 -11.32
CA TYR D 45 -15.10 -4.29 -10.45
C TYR D 45 -16.37 -4.06 -9.70
N GLN D 46 -17.48 -4.37 -10.35
CA GLN D 46 -18.78 -4.30 -9.70
C GLN D 46 -18.88 -5.26 -8.54
N ASP D 47 -18.54 -6.51 -8.84
CA ASP D 47 -18.47 -7.58 -7.83
C ASP D 47 -17.40 -7.37 -6.79
N LEU D 48 -16.33 -6.68 -7.12
CA LEU D 48 -15.30 -6.43 -6.16
C LEU D 48 -15.79 -5.36 -5.16
N ARG D 50 -18.95 -4.85 -4.32
CA ARG D 50 -19.90 -5.58 -3.53
C ARG D 50 -19.20 -6.40 -2.44
N MET D 51 -18.15 -7.15 -2.81
CA MET D 51 -17.33 -7.88 -1.83
C MET D 51 -16.83 -6.91 -0.75
N PHE D 52 -16.28 -5.77 -1.14
CA PHE D 52 -15.76 -4.85 -0.14
C PHE D 52 -16.88 -4.30 0.76
N ARG D 53 -18.09 -4.05 0.25
CA ARG D 53 -19.22 -3.58 1.08
C ARG D 53 -19.78 -4.68 2.02
N LEU D 54 -19.47 -5.95 1.77
CA LEU D 54 -19.81 -7.03 2.72
C LEU D 54 -18.88 -7.14 3.96
N PHE D 55 -17.75 -6.43 3.98
CA PHE D 55 -16.74 -6.65 5.02
C PHE D 55 -17.08 -5.97 6.33
N PRO D 56 -16.73 -6.61 7.47
CA PRO D 56 -17.02 -5.97 8.71
C PRO D 56 -16.32 -4.63 8.72
N LEU D 57 -16.95 -3.64 9.34
CA LEU D 57 -16.31 -2.33 9.41
C LEU D 57 -14.90 -2.47 10.04
N GLY D 58 -14.71 -3.46 10.87
CA GLY D 58 -13.47 -3.59 11.59
C GLY D 58 -12.24 -4.01 10.79
N VAL D 59 -12.37 -4.28 9.51
CA VAL D 59 -11.18 -4.56 8.74
C VAL D 59 -10.58 -3.29 8.11
N PHE D 60 -11.28 -2.16 8.25
CA PHE D 60 -10.83 -0.85 7.71
C PHE D 60 -10.29 -0.02 8.83
N SER D 61 -9.33 0.85 8.55
CA SER D 61 -8.72 1.72 9.58
C SER D 61 -9.84 2.56 10.21
N ASP D 62 -10.69 3.13 9.35
CA ASP D 62 -11.77 3.98 9.82
C ASP D 62 -12.73 4.15 8.64
N GLU D 63 -13.88 4.71 8.94
CA GLU D 63 -14.93 4.93 7.96
C GLU D 63 -14.42 5.77 6.75
N GLU D 64 -13.61 6.81 7.00
CA GLU D 64 -12.99 7.60 5.92
C GLU D 64 -12.17 6.76 4.94
N GLN D 65 -11.43 5.80 5.47
CA GLN D 65 -10.61 4.92 4.63
C GLN D 65 -11.45 3.88 3.89
N ARG D 66 -12.47 3.34 4.54
CA ARG D 66 -13.45 2.49 3.87
C ARG D 66 -14.08 3.19 2.67
N GLN D 67 -14.53 4.43 2.88
CA GLN D 67 -15.17 5.18 1.82
C GLN D 67 -14.18 5.54 0.72
N ASN D 68 -12.95 5.85 1.07
CA ASN D 68 -11.97 6.14 0.04
C ASN D 68 -11.91 4.90 -0.89
N LEU D 69 -11.83 3.72 -0.27
CA LEU D 69 -11.62 2.49 -1.01
C LEU D 69 -12.85 2.14 -1.83
N LEU D 70 -14.04 2.30 -1.27
CA LEU D 70 -15.28 2.17 -2.04
C LEU D 70 -15.40 3.18 -3.24
N GLN D 71 -14.98 4.42 -3.02
CA GLN D 71 -14.88 5.38 -4.08
C GLN D 71 -13.88 4.99 -5.16
N MET D 72 -12.75 4.40 -4.78
CA MET D 72 -11.82 3.97 -5.80
C MET D 72 -12.41 2.83 -6.57
N CYS D 73 -13.15 1.96 -5.88
CA CYS D 73 -13.83 0.84 -6.55
C CYS D 73 -14.85 1.41 -7.51
N GLN D 74 -15.63 2.40 -7.06
CA GLN D 74 -16.56 3.04 -7.98
C GLN D 74 -15.87 3.62 -9.21
N ASN D 75 -14.73 4.28 -9.00
CA ASN D 75 -13.99 4.91 -10.08
C ASN D 75 -13.53 3.89 -11.10
N ALA D 76 -13.07 2.72 -10.63
CA ALA D 76 -12.63 1.59 -11.48
C ALA D 76 -13.76 1.00 -12.34
N ILE D 77 -14.94 0.95 -11.75
CA ILE D 77 -16.17 0.53 -12.47
C ILE D 77 -16.57 1.50 -13.58
N ASP D 78 -16.63 2.80 -13.27
CA ASP D 78 -16.97 3.80 -14.28
C ASP D 78 -15.98 3.76 -15.43
N MET D 79 -14.69 3.66 -15.14
CA MET D 79 -13.68 3.54 -16.20
C MET D 79 -13.84 2.25 -17.01
N ALA D 80 -14.18 1.17 -16.30
CA ALA D 80 -14.48 -0.14 -16.88
C ALA D 80 -15.67 -0.04 -17.85
N ILE D 81 -16.72 0.68 -17.42
CA ILE D 81 -17.95 0.91 -18.17
C ILE D 81 -17.69 1.77 -19.39
N GLU D 82 -16.74 2.68 -19.30
CA GLU D 82 -16.37 3.49 -20.45
C GLU D 82 -15.50 2.80 -21.49
N SER D 83 -14.50 2.02 -21.10
CA SER D 83 -13.79 1.15 -22.05
C SER D 83 -14.82 0.34 -22.82
N GLU D 84 -15.76 -0.24 -22.09
CA GLU D 84 -16.79 -1.05 -22.71
C GLU D 84 -17.40 -0.30 -23.88
N GLU D 85 -17.99 0.88 -23.65
CA GLU D 85 -18.58 1.74 -24.73
C GLU D 85 -17.56 2.09 -25.80
N GLU D 86 -16.30 2.21 -25.39
CA GLU D 86 -15.10 2.18 -26.24
C GLU D 86 -14.40 3.52 -26.33
#